data_2RD2
#
_entry.id   2RD2
#
_cell.length_a   237.659
_cell.length_b   93.337
_cell.length_c   114.826
_cell.angle_alpha   90.000
_cell.angle_beta   90.000
_cell.angle_gamma   90.000
#
_symmetry.space_group_name_H-M   'C 2 2 21'
#
loop_
_entity.id
_entity.type
_entity.pdbx_description
1 polymer 'Glutamine tRNA'
2 polymer 'Glutaminyl-tRNA synthetase'
3 non-polymer 'SULFATE ION'
4 non-polymer "5'-O-[N-(L-GLUTAMINYL)-SULFAMOYL]ADENOSINE"
5 water water
#
loop_
_entity_poly.entity_id
_entity_poly.type
_entity_poly.pdbx_seq_one_letter_code
_entity_poly.pdbx_strand_id
1 'polyribonucleotide' GGGGGUAUCGCCAAGCGGUAAGGCACCGGAUUCUGAUUCCGGCAUUCCGAGGUUCGAAUCCUCGUACCCCAGCCA B
2 'polypeptide(L)'
;MSEAEARPTNFIRQIIDEDLASGKHTTVHTRFPPEPNGYLHIGHAKSICLNFGIAQDYKGQCNLRFDDTNPVKEDIEYVE
SIKNDVEWLGFHWSGNVRYSSDYFDQLHAYAIELINKGLAYVDELTPEQIREYRGTLTQPGKNSPYRDRSVEENLALFEK
MRAGGFEEGKACLRAKIDMASPFIVMRDPVLYRIKFAEHHQTGNKWCIYPMYDFTHCISDALEGITHSLRTLEFQDNRRL
YDWVLDNITIPVHPRQYEFSRLNLEYTVMSKRKLNLLVTDKHVEGWDDPRMPTISGLRRRGYTAASIREFCKRIGVTKQD
NTIEMASLESCIREDLNENAPRAMAVIDPVKLVIENYQGEGEMVTMPNHPNKPEMGSRQVPFSGEIWIDRADFREEANKQ
YKRLVLGKEVRLRNAYVIKAERVEKDAEGNITTIFCTYDADTLSKDPADGRKVKGVIHWVSAAHALPVEIRLYDRLFSVP
NPGAADDFLSVINPESLVIKQGFAEPSLKDAVAGKAFQFEREGYFCLDSRHSTAEKPVFNRTVGLRDTLEHHHHHH
;
A
#
loop_
_chem_comp.id
_chem_comp.type
_chem_comp.name
_chem_comp.formula
A RNA linking ADENOSINE-5'-MONOPHOSPHATE 'C10 H14 N5 O7 P'
C RNA linking CYTIDINE-5'-MONOPHOSPHATE 'C9 H14 N3 O8 P'
G RNA linking GUANOSINE-5'-MONOPHOSPHATE 'C10 H14 N5 O8 P'
QSI non-polymer 5'-O-[N-(L-GLUTAMINYL)-SULFAMOYL]ADENOSINE 'C15 H22 N8 O8 S'
SO4 non-polymer 'SULFATE ION' 'O4 S -2'
U RNA linking URIDINE-5'-MONOPHOSPHATE 'C9 H13 N2 O9 P'
#
# COMPACT_ATOMS: atom_id res chain seq x y z
N THR B 9 -19.85 -5.28 10.05
CA THR B 9 -20.53 -3.96 10.24
C THR B 9 -19.68 -3.03 11.13
N ASN B 10 -19.86 -1.72 10.98
CA ASN B 10 -19.11 -0.76 11.79
C ASN B 10 -20.02 0.41 12.13
N PHE B 11 -19.58 1.28 13.03
CA PHE B 11 -20.45 2.38 13.42
C PHE B 11 -20.96 3.22 12.26
N ILE B 12 -20.15 3.40 11.22
CA ILE B 12 -20.56 4.18 10.08
C ILE B 12 -21.68 3.49 9.30
N ARG B 13 -21.58 2.18 9.12
CA ARG B 13 -22.63 1.47 8.39
C ARG B 13 -23.93 1.52 9.19
N GLN B 14 -23.81 1.44 10.52
CA GLN B 14 -24.97 1.51 11.39
C GLN B 14 -25.67 2.86 11.25
N ILE B 15 -24.90 3.95 11.23
CA ILE B 15 -25.49 5.26 11.07
C ILE B 15 -26.30 5.24 9.77
N ILE B 16 -25.64 4.88 8.67
CA ILE B 16 -26.29 4.81 7.38
C ILE B 16 -27.56 3.97 7.41
N ASP B 17 -27.56 2.85 8.13
CA ASP B 17 -28.76 2.03 8.21
C ASP B 17 -29.91 2.85 8.74
N GLU B 18 -29.61 3.71 9.70
CA GLU B 18 -30.61 4.58 10.30
C GLU B 18 -31.07 5.60 9.26
N ASP B 19 -30.14 6.46 8.85
CA ASP B 19 -30.43 7.49 7.84
C ASP B 19 -31.36 6.98 6.74
N LEU B 20 -31.14 5.75 6.29
CA LEU B 20 -31.96 5.19 5.23
C LEU B 20 -33.40 5.10 5.71
N ALA B 21 -33.60 4.51 6.89
CA ALA B 21 -34.94 4.37 7.47
C ALA B 21 -35.63 5.74 7.57
N SER B 22 -35.13 6.58 8.47
CA SER B 22 -35.69 7.93 8.64
C SER B 22 -35.93 8.61 7.30
N GLY B 23 -35.10 8.28 6.33
CA GLY B 23 -35.25 8.89 5.01
C GLY B 23 -34.43 10.15 4.82
N LYS B 24 -33.39 10.34 5.65
CA LYS B 24 -32.53 11.51 5.50
C LYS B 24 -31.95 11.37 4.10
N HIS B 25 -31.60 10.14 3.76
CA HIS B 25 -31.07 9.83 2.44
C HIS B 25 -31.82 8.61 1.92
N THR B 26 -31.89 8.51 0.59
CA THR B 26 -32.54 7.39 -0.05
C THR B 26 -31.46 6.78 -0.93
N THR B 27 -30.28 7.41 -0.90
CA THR B 27 -29.13 6.94 -1.66
C THR B 27 -27.88 7.39 -0.91
N VAL B 28 -26.82 6.59 -0.94
CA VAL B 28 -25.59 6.98 -0.28
C VAL B 28 -24.56 7.30 -1.35
N HIS B 29 -23.85 8.40 -1.15
CA HIS B 29 -22.86 8.81 -2.13
C HIS B 29 -21.57 9.19 -1.39
N THR B 30 -20.56 8.33 -1.52
CA THR B 30 -19.28 8.54 -0.86
C THR B 30 -18.21 8.94 -1.87
N ARG B 31 -16.97 9.07 -1.38
CA ARG B 31 -15.84 9.40 -2.24
C ARG B 31 -14.47 9.04 -1.70
N PHE B 32 -13.54 8.74 -2.60
CA PHE B 32 -12.14 8.46 -2.21
C PHE B 32 -11.38 9.64 -2.81
N PRO B 33 -10.99 10.62 -1.98
CA PRO B 33 -10.26 11.83 -2.39
C PRO B 33 -8.76 11.94 -2.14
N PRO B 34 -7.93 11.09 -2.76
CA PRO B 34 -6.50 11.24 -2.49
C PRO B 34 -5.83 12.43 -3.19
N GLU B 35 -4.78 12.98 -2.59
CA GLU B 35 -4.01 14.05 -3.24
C GLU B 35 -2.90 13.36 -4.03
N PRO B 36 -2.71 13.73 -5.31
CA PRO B 36 -1.66 13.06 -6.07
C PRO B 36 -0.26 13.60 -5.75
N ASN B 37 0.21 13.29 -4.54
CA ASN B 37 1.52 13.72 -4.07
C ASN B 37 2.41 12.53 -3.70
N GLY B 38 2.02 11.34 -4.15
CA GLY B 38 2.82 10.16 -3.85
C GLY B 38 1.98 8.95 -4.22
N TYR B 39 2.47 7.74 -3.95
CA TYR B 39 1.71 6.53 -4.24
C TYR B 39 0.86 6.13 -3.05
N LEU B 40 -0.19 5.34 -3.32
CA LEU B 40 -1.10 4.87 -2.27
C LEU B 40 -0.46 3.75 -1.43
N HIS B 41 -0.81 3.70 -0.15
CA HIS B 41 -0.32 2.63 0.71
C HIS B 41 -1.49 1.81 1.25
N ILE B 42 -1.16 0.74 1.99
CA ILE B 42 -2.17 -0.17 2.56
C ILE B 42 -3.22 0.59 3.39
N GLY B 43 -2.83 1.72 3.97
CA GLY B 43 -3.78 2.50 4.75
C GLY B 43 -4.84 3.05 3.83
N HIS B 44 -4.41 3.60 2.70
CA HIS B 44 -5.32 4.14 1.70
C HIS B 44 -6.28 3.03 1.27
N ALA B 45 -5.81 1.79 1.29
CA ALA B 45 -6.67 0.67 0.90
C ALA B 45 -7.83 0.53 1.88
N LYS B 46 -7.57 0.76 3.16
CA LYS B 46 -8.60 0.66 4.18
C LYS B 46 -9.67 1.69 3.84
N SER B 47 -9.23 2.84 3.35
CA SER B 47 -10.14 3.90 2.97
C SER B 47 -10.89 3.58 1.70
N ILE B 48 -10.21 2.95 0.74
CA ILE B 48 -10.79 2.57 -0.53
C ILE B 48 -11.89 1.51 -0.37
N CYS B 49 -11.61 0.52 0.47
CA CYS B 49 -12.58 -0.54 0.74
C CYS B 49 -13.81 0.04 1.42
N LEU B 50 -13.57 0.93 2.38
CA LEU B 50 -14.66 1.58 3.12
C LEU B 50 -15.63 2.36 2.22
N ASN B 51 -15.10 3.34 1.50
CA ASN B 51 -15.91 4.18 0.64
C ASN B 51 -16.55 3.48 -0.56
N PHE B 52 -15.77 2.68 -1.29
CA PHE B 52 -16.33 1.97 -2.44
C PHE B 52 -17.21 0.82 -1.97
N GLY B 53 -16.78 0.15 -0.89
CA GLY B 53 -17.55 -0.96 -0.36
C GLY B 53 -18.91 -0.54 0.12
N ILE B 54 -18.97 0.52 0.91
CA ILE B 54 -20.25 1.00 1.42
C ILE B 54 -21.17 1.36 0.25
N ALA B 55 -20.59 1.93 -0.80
CA ALA B 55 -21.35 2.32 -1.97
C ALA B 55 -21.99 1.12 -2.63
N GLN B 56 -21.21 0.11 -2.97
CA GLN B 56 -21.79 -1.06 -3.63
C GLN B 56 -22.74 -1.84 -2.74
N ASP B 57 -22.41 -1.99 -1.47
CA ASP B 57 -23.31 -2.71 -0.59
C ASP B 57 -24.68 -2.04 -0.49
N TYR B 58 -24.73 -0.72 -0.66
CA TYR B 58 -26.00 -0.01 -0.57
C TYR B 58 -26.52 0.49 -1.89
N LYS B 59 -26.04 -0.11 -2.97
CA LYS B 59 -26.46 0.30 -4.30
C LYS B 59 -26.30 1.83 -4.47
N GLY B 60 -25.16 2.35 -4.03
CA GLY B 60 -24.91 3.77 -4.12
C GLY B 60 -23.80 4.14 -5.10
N GLN B 61 -23.16 5.27 -4.85
CA GLN B 61 -22.09 5.75 -5.72
C GLN B 61 -20.88 6.23 -4.93
N CYS B 62 -19.70 6.06 -5.53
CA CYS B 62 -18.46 6.49 -4.90
C CYS B 62 -17.55 7.12 -5.96
N ASN B 63 -17.22 8.38 -5.76
CA ASN B 63 -16.38 9.12 -6.69
C ASN B 63 -14.89 8.97 -6.41
N LEU B 64 -14.09 9.05 -7.47
CA LEU B 64 -12.65 9.03 -7.33
C LEU B 64 -12.30 10.47 -7.64
N ARG B 65 -11.83 11.19 -6.62
CA ARG B 65 -11.49 12.58 -6.81
C ARG B 65 -10.05 12.90 -6.39
N PHE B 66 -9.33 13.57 -7.26
CA PHE B 66 -7.97 13.97 -6.96
C PHE B 66 -8.03 15.34 -6.29
N ASP B 67 -7.60 15.39 -5.04
CA ASP B 67 -7.61 16.64 -4.26
C ASP B 67 -6.32 17.37 -4.64
N ASP B 68 -6.27 17.86 -5.88
CA ASP B 68 -5.08 18.52 -6.41
C ASP B 68 -5.02 20.04 -6.26
N THR B 69 -4.95 20.49 -5.01
CA THR B 69 -4.92 21.90 -4.69
C THR B 69 -3.54 22.51 -4.44
N ASN B 70 -2.49 21.69 -4.53
CA ASN B 70 -1.12 22.15 -4.28
C ASN B 70 -0.18 21.68 -5.40
N PRO B 71 -0.12 22.43 -6.50
CA PRO B 71 0.72 22.10 -7.66
C PRO B 71 2.15 21.63 -7.39
N VAL B 72 2.89 22.38 -6.57
CA VAL B 72 4.28 22.04 -6.29
C VAL B 72 4.55 20.69 -5.64
N LYS B 73 3.54 20.11 -5.01
CA LYS B 73 3.73 18.83 -4.34
C LYS B 73 3.18 17.65 -5.14
N GLU B 74 2.45 17.95 -6.21
CA GLU B 74 1.83 16.89 -6.99
C GLU B 74 2.48 16.63 -8.34
N ASP B 75 2.21 15.44 -8.88
CA ASP B 75 2.76 15.04 -10.17
C ASP B 75 1.76 14.15 -10.91
N ILE B 76 1.78 14.24 -12.24
CA ILE B 76 0.88 13.45 -13.06
C ILE B 76 1.14 11.95 -12.91
N GLU B 77 2.35 11.58 -12.51
CA GLU B 77 2.67 10.17 -12.33
C GLU B 77 1.91 9.58 -11.16
N TYR B 78 1.58 10.42 -10.19
CA TYR B 78 0.85 9.98 -9.02
C TYR B 78 -0.63 9.77 -9.35
N VAL B 79 -1.22 10.66 -10.15
CA VAL B 79 -2.62 10.46 -10.47
C VAL B 79 -2.71 9.17 -11.28
N GLU B 80 -1.79 9.00 -12.22
CA GLU B 80 -1.77 7.79 -13.05
C GLU B 80 -1.73 6.51 -12.20
N SER B 81 -0.80 6.46 -11.25
CA SER B 81 -0.66 5.27 -10.41
C SER B 81 -1.80 5.04 -9.42
N ILE B 82 -2.51 6.11 -9.08
CA ILE B 82 -3.62 5.98 -8.16
C ILE B 82 -4.82 5.32 -8.85
N LYS B 83 -5.15 5.76 -10.07
CA LYS B 83 -6.28 5.16 -10.78
C LYS B 83 -5.97 3.68 -10.90
N ASN B 84 -4.70 3.39 -11.17
CA ASN B 84 -4.26 2.02 -11.33
C ASN B 84 -4.52 1.16 -10.09
N ASP B 85 -4.10 1.65 -8.91
CA ASP B 85 -4.31 0.90 -7.69
C ASP B 85 -5.77 0.71 -7.30
N VAL B 86 -6.60 1.70 -7.60
CA VAL B 86 -8.02 1.59 -7.28
C VAL B 86 -8.63 0.51 -8.18
N GLU B 87 -8.23 0.52 -9.45
CA GLU B 87 -8.73 -0.49 -10.39
C GLU B 87 -8.25 -1.87 -9.98
N TRP B 88 -6.97 -1.98 -9.64
CA TRP B 88 -6.40 -3.25 -9.25
C TRP B 88 -7.07 -3.87 -8.02
N LEU B 89 -7.46 -3.06 -7.05
CA LEU B 89 -8.12 -3.61 -5.88
C LEU B 89 -9.50 -4.15 -6.23
N GLY B 90 -10.00 -3.78 -7.40
CA GLY B 90 -11.29 -4.28 -7.84
C GLY B 90 -12.49 -3.38 -7.65
N PHE B 91 -12.25 -2.07 -7.65
CA PHE B 91 -13.33 -1.12 -7.44
C PHE B 91 -13.52 -0.16 -8.60
N HIS B 92 -14.76 0.23 -8.86
CA HIS B 92 -15.05 1.14 -9.95
C HIS B 92 -15.68 2.41 -9.38
N TRP B 93 -15.33 3.56 -9.94
CA TRP B 93 -15.86 4.81 -9.45
C TRP B 93 -17.03 5.30 -10.29
N SER B 94 -17.71 6.31 -9.78
CA SER B 94 -18.89 6.89 -10.40
C SER B 94 -18.59 7.92 -11.47
N GLY B 95 -19.02 7.63 -12.69
CA GLY B 95 -18.79 8.55 -13.80
C GLY B 95 -17.32 8.80 -14.07
N ASN B 96 -16.99 10.00 -14.49
CA ASN B 96 -15.61 10.31 -14.78
C ASN B 96 -14.82 10.52 -13.51
N VAL B 97 -13.51 10.40 -13.63
CA VAL B 97 -12.61 10.66 -12.51
C VAL B 97 -12.75 12.17 -12.24
N ARG B 98 -12.79 12.57 -10.97
CA ARG B 98 -12.91 14.00 -10.66
C ARG B 98 -11.65 14.59 -10.07
N TYR B 99 -11.46 15.88 -10.31
CA TYR B 99 -10.32 16.63 -9.80
C TYR B 99 -10.85 17.91 -9.14
N SER B 100 -10.26 18.32 -8.02
CA SER B 100 -10.69 19.55 -7.36
C SER B 100 -10.43 20.67 -8.36
N SER B 101 -9.37 20.52 -9.13
CA SER B 101 -8.99 21.50 -10.13
C SER B 101 -10.18 21.74 -11.06
N ASP B 102 -11.04 20.75 -11.24
CA ASP B 102 -12.23 20.94 -12.09
C ASP B 102 -13.11 22.04 -11.53
N TYR B 103 -12.95 22.35 -10.24
CA TYR B 103 -13.78 23.36 -9.61
C TYR B 103 -13.07 24.67 -9.30
N PHE B 104 -11.87 24.89 -9.84
CA PHE B 104 -11.17 26.13 -9.52
C PHE B 104 -11.97 27.40 -9.78
N ASP B 105 -12.73 27.44 -10.88
CA ASP B 105 -13.54 28.60 -11.20
C ASP B 105 -14.65 28.72 -10.17
N GLN B 106 -15.21 27.57 -9.82
CA GLN B 106 -16.28 27.46 -8.83
C GLN B 106 -15.77 28.01 -7.48
N LEU B 107 -14.63 27.49 -7.04
CA LEU B 107 -14.06 27.94 -5.79
C LEU B 107 -13.79 29.45 -5.82
N HIS B 108 -13.28 29.95 -6.94
CA HIS B 108 -12.99 31.37 -7.10
C HIS B 108 -14.27 32.20 -6.92
N ALA B 109 -15.38 31.69 -7.44
CA ALA B 109 -16.67 32.37 -7.33
C ALA B 109 -17.15 32.38 -5.87
N TYR B 110 -17.00 31.24 -5.19
CA TYR B 110 -17.41 31.13 -3.79
C TYR B 110 -16.57 32.01 -2.88
N ALA B 111 -15.32 32.26 -3.26
CA ALA B 111 -14.45 33.11 -2.46
C ALA B 111 -15.01 34.54 -2.61
N ILE B 112 -15.40 34.88 -3.83
CA ILE B 112 -15.96 36.20 -4.09
C ILE B 112 -17.28 36.39 -3.36
N GLU B 113 -18.07 35.33 -3.18
CA GLU B 113 -19.32 35.46 -2.45
C GLU B 113 -18.97 35.76 -0.99
N LEU B 114 -17.97 35.11 -0.43
CA LEU B 114 -17.60 35.34 0.97
C LEU B 114 -17.10 36.78 1.16
N ILE B 115 -16.25 37.25 0.24
CA ILE B 115 -15.74 38.61 0.33
C ILE B 115 -16.93 39.57 0.31
N ASN B 116 -17.89 39.34 -0.59
CA ASN B 116 -19.06 40.21 -0.70
C ASN B 116 -19.87 40.25 0.58
N LYS B 117 -19.81 39.17 1.35
CA LYS B 117 -20.55 39.12 2.60
C LYS B 117 -19.67 39.62 3.76
N GLY B 118 -18.50 40.16 3.43
CA GLY B 118 -17.59 40.65 4.45
C GLY B 118 -17.02 39.51 5.28
N LEU B 119 -17.17 38.30 4.76
CA LEU B 119 -16.70 37.11 5.43
C LEU B 119 -15.33 36.61 4.99
N ALA B 120 -14.61 37.44 4.25
CA ALA B 120 -13.27 37.08 3.80
C ALA B 120 -12.58 38.38 3.37
N TYR B 121 -11.26 38.41 3.47
CA TYR B 121 -10.48 39.60 3.13
C TYR B 121 -9.06 39.22 2.70
N VAL B 122 -8.39 40.13 2.01
CA VAL B 122 -7.02 39.88 1.60
C VAL B 122 -6.11 40.38 2.72
N ASP B 123 -5.29 39.48 3.27
CA ASP B 123 -4.38 39.83 4.35
C ASP B 123 -2.97 39.98 3.78
N GLU B 124 -2.21 40.93 4.33
CA GLU B 124 -0.84 41.15 3.86
C GLU B 124 0.23 40.89 4.92
N LEU B 125 -0.17 40.15 5.94
CA LEU B 125 0.72 39.76 7.01
C LEU B 125 1.62 38.70 6.39
N THR B 126 2.93 38.85 6.49
CA THR B 126 3.82 37.83 5.93
C THR B 126 3.51 36.44 6.50
N PRO B 127 4.10 35.38 5.92
CA PRO B 127 3.86 34.01 6.40
C PRO B 127 4.27 33.83 7.86
N GLU B 128 5.26 34.59 8.31
CA GLU B 128 5.71 34.47 9.69
C GLU B 128 4.76 35.22 10.61
N GLN B 129 4.32 36.40 10.18
CA GLN B 129 3.42 37.18 11.01
C GLN B 129 2.09 36.52 11.27
N ILE B 130 1.63 35.72 10.31
CA ILE B 130 0.35 35.05 10.48
C ILE B 130 0.41 34.06 11.63
N ARG B 131 1.56 33.40 11.82
CA ARG B 131 1.71 32.46 12.92
C ARG B 131 1.85 33.27 14.21
N GLU B 132 2.58 34.38 14.14
CA GLU B 132 2.76 35.23 15.31
C GLU B 132 1.43 35.82 15.76
N TYR B 133 0.53 36.10 14.81
CA TYR B 133 -0.78 36.64 15.15
C TYR B 133 -1.81 35.54 15.48
N ARG B 134 -1.50 34.31 15.11
CA ARG B 134 -2.44 33.22 15.31
C ARG B 134 -2.73 32.77 16.72
N GLY B 135 -1.82 33.06 17.65
CA GLY B 135 -2.04 32.64 19.03
C GLY B 135 -1.44 31.27 19.29
N THR B 136 -1.72 30.70 20.44
CA THR B 136 -1.20 29.37 20.78
C THR B 136 -2.32 28.44 21.18
N LEU B 137 -1.97 27.20 21.53
CA LEU B 137 -2.96 26.23 21.96
C LEU B 137 -3.68 26.73 23.22
N THR B 138 -3.04 27.64 23.96
CA THR B 138 -3.65 28.16 25.18
C THR B 138 -3.89 29.67 25.16
N GLN B 139 -3.28 30.37 24.22
CA GLN B 139 -3.47 31.81 24.12
C GLN B 139 -4.19 32.17 22.82
N PRO B 140 -5.28 32.95 22.92
CA PRO B 140 -6.04 33.35 21.74
C PRO B 140 -5.21 34.18 20.75
N GLY B 141 -5.70 34.28 19.52
CA GLY B 141 -5.00 35.05 18.50
C GLY B 141 -5.45 36.50 18.50
N LYS B 142 -4.99 37.25 17.51
CA LYS B 142 -5.34 38.66 17.42
C LYS B 142 -5.60 39.09 15.99
N ASN B 143 -6.61 39.94 15.81
CA ASN B 143 -6.99 40.43 14.49
C ASN B 143 -5.84 41.07 13.72
N SER B 144 -5.80 40.80 12.42
CA SER B 144 -4.80 41.37 11.54
C SER B 144 -5.16 42.83 11.28
N PRO B 145 -4.14 43.70 11.11
CA PRO B 145 -4.35 45.13 10.85
C PRO B 145 -5.07 45.39 9.53
N TYR B 146 -5.17 44.35 8.72
CA TYR B 146 -5.83 44.47 7.42
C TYR B 146 -7.20 43.79 7.46
N ARG B 147 -7.64 43.35 8.64
CA ARG B 147 -8.90 42.63 8.76
C ARG B 147 -10.18 43.35 8.38
N ASP B 148 -10.23 44.67 8.55
CA ASP B 148 -11.45 45.38 8.23
C ASP B 148 -11.45 46.14 6.92
N ARG B 149 -10.70 45.67 5.93
CA ARG B 149 -10.70 46.35 4.65
C ARG B 149 -12.13 46.27 4.10
N SER B 150 -12.47 47.18 3.21
CA SER B 150 -13.81 47.21 2.64
C SER B 150 -13.96 46.10 1.60
N VAL B 151 -15.23 45.77 1.32
CA VAL B 151 -15.54 44.75 0.33
C VAL B 151 -14.83 45.10 -0.97
N GLU B 152 -14.93 46.35 -1.39
CA GLU B 152 -14.31 46.83 -2.61
C GLU B 152 -12.80 46.64 -2.65
N GLU B 153 -12.10 46.90 -1.54
CA GLU B 153 -10.66 46.73 -1.51
C GLU B 153 -10.29 45.25 -1.65
N ASN B 154 -10.93 44.42 -0.84
CA ASN B 154 -10.69 42.98 -0.87
C ASN B 154 -10.89 42.48 -2.29
N LEU B 155 -11.99 42.92 -2.89
CA LEU B 155 -12.33 42.54 -4.25
C LEU B 155 -11.19 42.91 -5.20
N ALA B 156 -10.73 44.15 -5.12
CA ALA B 156 -9.65 44.63 -5.98
C ALA B 156 -8.34 43.89 -5.69
N LEU B 157 -8.06 43.72 -4.40
CA LEU B 157 -6.85 43.03 -3.96
C LEU B 157 -6.83 41.54 -4.33
N PHE B 158 -8.00 40.89 -4.31
CA PHE B 158 -8.06 39.48 -4.66
C PHE B 158 -7.75 39.34 -6.15
N GLU B 159 -8.33 40.24 -6.93
CA GLU B 159 -8.13 40.26 -8.37
C GLU B 159 -6.65 40.46 -8.70
N LYS B 160 -5.97 41.31 -7.93
CA LYS B 160 -4.54 41.57 -8.15
C LYS B 160 -3.79 40.27 -7.92
N MET B 161 -4.18 39.56 -6.85
CA MET B 161 -3.58 38.27 -6.52
C MET B 161 -3.75 37.33 -7.70
N ARG B 162 -5.00 37.15 -8.11
CA ARG B 162 -5.32 36.27 -9.22
C ARG B 162 -4.53 36.69 -10.47
N ALA B 163 -4.46 38.00 -10.70
CA ALA B 163 -3.77 38.56 -11.86
C ALA B 163 -2.24 38.45 -11.80
N GLY B 164 -1.71 37.96 -10.67
CA GLY B 164 -0.27 37.81 -10.54
C GLY B 164 0.48 39.06 -10.13
N GLY B 165 -0.26 40.05 -9.63
CA GLY B 165 0.35 41.30 -9.20
C GLY B 165 1.01 41.34 -7.84
N PHE B 166 1.11 40.18 -7.19
CA PHE B 166 1.74 40.04 -5.87
C PHE B 166 2.74 38.90 -5.93
N GLU B 167 3.90 39.09 -5.31
CA GLU B 167 4.92 38.04 -5.27
C GLU B 167 4.45 37.00 -4.26
N GLU B 168 4.90 35.77 -4.42
CA GLU B 168 4.49 34.71 -3.50
C GLU B 168 4.61 35.10 -2.03
N GLY B 169 3.62 34.69 -1.24
CA GLY B 169 3.63 34.98 0.19
C GLY B 169 3.39 36.44 0.56
N LYS B 170 3.31 37.31 -0.44
CA LYS B 170 3.09 38.72 -0.18
C LYS B 170 1.63 39.00 0.14
N ALA B 171 0.75 38.04 -0.13
CA ALA B 171 -0.68 38.22 0.15
C ALA B 171 -1.45 36.90 0.06
N CYS B 172 -2.56 36.82 0.77
CA CYS B 172 -3.39 35.63 0.76
C CYS B 172 -4.83 36.01 1.10
N LEU B 173 -5.78 35.14 0.77
CA LEU B 173 -7.17 35.45 1.12
C LEU B 173 -7.47 34.65 2.36
N ARG B 174 -8.07 35.31 3.34
CA ARG B 174 -8.39 34.69 4.62
C ARG B 174 -9.87 34.81 4.91
N ALA B 175 -10.39 33.83 5.65
CA ALA B 175 -11.79 33.87 6.06
C ALA B 175 -11.85 34.70 7.34
N LYS B 176 -12.92 35.45 7.50
CA LYS B 176 -13.09 36.29 8.67
C LYS B 176 -14.01 35.57 9.65
N ILE B 177 -13.43 34.90 10.62
CA ILE B 177 -14.22 34.16 11.59
C ILE B 177 -14.00 34.63 13.01
N ASP B 178 -13.22 33.89 13.80
CA ASP B 178 -12.97 34.28 15.17
C ASP B 178 -11.53 34.05 15.65
N MET B 179 -10.73 35.12 15.69
CA MET B 179 -9.35 34.96 16.12
C MET B 179 -9.21 34.43 17.53
N ALA B 180 -10.31 34.40 18.29
CA ALA B 180 -10.25 33.92 19.68
C ALA B 180 -10.92 32.57 19.90
N SER B 181 -11.15 31.82 18.83
CA SER B 181 -11.79 30.52 18.97
C SER B 181 -10.84 29.49 19.54
N PRO B 182 -11.35 28.61 20.40
CA PRO B 182 -10.52 27.57 20.98
C PRO B 182 -10.12 26.57 19.87
N PHE B 183 -10.82 26.67 18.74
CA PHE B 183 -10.54 25.81 17.58
C PHE B 183 -9.59 26.58 16.68
N ILE B 184 -8.31 26.24 16.71
CA ILE B 184 -7.35 26.96 15.89
C ILE B 184 -7.78 27.07 14.45
N VAL B 185 -8.43 26.03 13.92
CA VAL B 185 -8.84 26.06 12.52
C VAL B 185 -9.73 27.27 12.21
N MET B 186 -10.50 27.74 13.18
CA MET B 186 -11.41 28.86 12.97
C MET B 186 -10.76 30.23 13.11
N ARG B 187 -9.45 30.27 13.33
CA ARG B 187 -8.75 31.54 13.49
C ARG B 187 -8.40 32.16 12.15
N ASP B 188 -9.43 32.63 11.46
CA ASP B 188 -9.26 33.27 10.15
C ASP B 188 -8.41 32.39 9.22
N PRO B 189 -8.87 31.16 8.96
CA PRO B 189 -8.10 30.28 8.07
C PRO B 189 -7.94 30.80 6.65
N VAL B 190 -6.76 30.53 6.08
CA VAL B 190 -6.45 30.94 4.74
C VAL B 190 -7.31 30.17 3.74
N LEU B 191 -7.84 30.89 2.76
CA LEU B 191 -8.65 30.31 1.71
C LEU B 191 -7.80 30.18 0.42
N TYR B 192 -6.97 31.19 0.15
CA TYR B 192 -6.12 31.20 -1.05
C TYR B 192 -4.71 31.75 -0.82
N ARG B 193 -3.72 31.18 -1.51
CA ARG B 193 -2.34 31.63 -1.45
C ARG B 193 -1.74 31.66 -2.86
N ILE B 194 -0.73 32.49 -3.05
CA ILE B 194 -0.08 32.67 -4.34
C ILE B 194 1.03 31.68 -4.61
N LYS B 195 1.00 31.06 -5.79
CA LYS B 195 2.00 30.10 -6.21
C LYS B 195 2.21 30.14 -7.72
N PHE B 196 3.36 30.66 -8.16
CA PHE B 196 3.65 30.71 -9.59
C PHE B 196 4.25 29.37 -10.00
N ALA B 197 3.40 28.36 -10.06
CA ALA B 197 3.85 27.02 -10.41
C ALA B 197 2.85 26.38 -11.34
N GLU B 198 3.36 25.60 -12.30
CA GLU B 198 2.52 24.90 -13.26
C GLU B 198 1.79 23.74 -12.57
N HIS B 199 0.49 23.63 -12.84
CA HIS B 199 -0.36 22.59 -12.27
C HIS B 199 -0.51 21.48 -13.29
N HIS B 200 -0.42 20.23 -12.85
CA HIS B 200 -0.53 19.09 -13.76
C HIS B 200 -1.85 19.01 -14.55
N GLN B 201 -2.88 19.72 -14.12
CA GLN B 201 -4.15 19.71 -14.85
C GLN B 201 -4.46 21.06 -15.45
N THR B 202 -4.13 22.14 -14.75
CA THR B 202 -4.46 23.46 -15.25
C THR B 202 -3.32 24.24 -15.87
N GLY B 203 -2.17 23.60 -16.02
CA GLY B 203 -1.04 24.28 -16.61
C GLY B 203 -0.72 25.57 -15.89
N ASN B 204 -0.71 26.68 -16.61
CA ASN B 204 -0.38 27.96 -16.01
C ASN B 204 -1.51 28.96 -16.03
N LYS B 205 -2.74 28.48 -15.91
CA LYS B 205 -3.91 29.35 -15.91
C LYS B 205 -4.12 30.04 -14.56
N TRP B 206 -3.56 29.47 -13.49
CA TRP B 206 -3.71 30.04 -12.16
C TRP B 206 -2.39 30.23 -11.43
N CYS B 207 -2.29 31.32 -10.67
CA CYS B 207 -1.12 31.59 -9.87
C CYS B 207 -1.58 31.68 -8.42
N ILE B 208 -2.87 31.39 -8.20
CA ILE B 208 -3.43 31.34 -6.86
C ILE B 208 -4.16 30.01 -6.75
N TYR B 209 -3.92 29.29 -5.67
CA TYR B 209 -4.57 28.00 -5.50
C TYR B 209 -5.34 27.95 -4.19
N PRO B 210 -6.51 27.32 -4.22
CA PRO B 210 -7.35 27.20 -3.01
C PRO B 210 -6.75 26.26 -1.99
N MET B 211 -7.05 26.49 -0.71
CA MET B 211 -6.53 25.62 0.35
C MET B 211 -7.43 24.39 0.54
N TYR B 212 -6.90 23.38 1.21
CA TYR B 212 -7.62 22.13 1.47
C TYR B 212 -9.04 22.25 2.06
N ASP B 213 -9.15 22.80 3.27
CA ASP B 213 -10.44 22.93 3.91
C ASP B 213 -11.51 23.62 3.07
N PHE B 214 -11.15 24.70 2.40
CA PHE B 214 -12.09 25.42 1.56
C PHE B 214 -12.55 24.53 0.41
N THR B 215 -11.58 24.04 -0.35
CA THR B 215 -11.81 23.18 -1.51
C THR B 215 -12.66 21.94 -1.25
N HIS B 216 -12.29 21.21 -0.20
CA HIS B 216 -12.91 19.94 0.09
C HIS B 216 -14.39 19.92 0.47
N CYS B 217 -14.84 20.88 1.27
CA CYS B 217 -16.24 20.87 1.66
C CYS B 217 -17.09 21.27 0.48
N ILE B 218 -16.56 22.14 -0.36
CA ILE B 218 -17.29 22.59 -1.55
C ILE B 218 -17.32 21.49 -2.62
N SER B 219 -16.20 20.78 -2.79
CA SER B 219 -16.12 19.67 -3.76
C SER B 219 -17.15 18.60 -3.43
N ASP B 220 -17.22 18.21 -2.15
CA ASP B 220 -18.17 17.20 -1.65
C ASP B 220 -19.60 17.62 -1.94
N ALA B 221 -19.92 18.87 -1.61
CA ALA B 221 -21.25 19.39 -1.81
C ALA B 221 -21.66 19.46 -3.30
N LEU B 222 -20.77 19.93 -4.17
CA LEU B 222 -21.12 19.99 -5.59
C LEU B 222 -21.26 18.57 -6.15
N GLU B 223 -20.57 17.61 -5.56
CA GLU B 223 -20.67 16.26 -6.05
C GLU B 223 -21.85 15.48 -5.47
N GLY B 224 -22.55 16.08 -4.50
CA GLY B 224 -23.71 15.41 -3.91
C GLY B 224 -23.34 14.31 -2.94
N ILE B 225 -22.13 14.40 -2.38
CA ILE B 225 -21.64 13.43 -1.42
C ILE B 225 -22.56 13.44 -0.20
N THR B 226 -22.92 12.27 0.32
CA THR B 226 -23.81 12.23 1.48
C THR B 226 -23.07 11.90 2.75
N HIS B 227 -21.97 11.16 2.64
CA HIS B 227 -21.18 10.78 3.79
C HIS B 227 -19.69 10.92 3.50
N SER B 228 -19.13 12.06 3.88
CA SER B 228 -17.71 12.34 3.66
C SER B 228 -16.94 11.61 4.76
N LEU B 229 -16.33 10.50 4.39
CA LEU B 229 -15.58 9.66 5.34
C LEU B 229 -14.08 9.94 5.32
N ARG B 230 -13.56 10.46 6.42
CA ARG B 230 -12.14 10.79 6.55
C ARG B 230 -11.52 10.21 7.83
N THR B 231 -10.22 10.41 8.00
CA THR B 231 -9.54 9.92 9.18
C THR B 231 -9.56 10.92 10.33
N LEU B 232 -9.35 10.38 11.53
CA LEU B 232 -9.38 11.12 12.76
C LEU B 232 -8.67 12.48 12.88
N GLU B 233 -7.59 12.70 12.15
CA GLU B 233 -6.86 13.97 12.25
C GLU B 233 -7.62 15.16 11.71
N PHE B 234 -8.67 14.93 10.93
CA PHE B 234 -9.43 16.05 10.37
C PHE B 234 -10.60 16.40 11.26
N GLN B 235 -10.64 15.81 12.46
CA GLN B 235 -11.72 16.06 13.41
C GLN B 235 -11.87 17.54 13.77
N ASP B 236 -10.77 18.20 14.10
CA ASP B 236 -10.83 19.63 14.44
C ASP B 236 -11.34 20.47 13.26
N ASN B 237 -10.94 20.10 12.05
CA ASN B 237 -11.35 20.83 10.85
C ASN B 237 -12.87 20.83 10.62
N ARG B 238 -13.56 19.90 11.25
CA ARG B 238 -15.01 19.79 11.09
C ARG B 238 -15.79 21.12 11.16
N ARG B 239 -15.51 21.97 12.14
CA ARG B 239 -16.22 23.23 12.24
C ARG B 239 -15.96 24.20 11.09
N LEU B 240 -14.85 24.03 10.37
CA LEU B 240 -14.55 24.93 9.25
C LEU B 240 -15.31 24.48 8.02
N TYR B 241 -15.45 23.16 7.93
CA TYR B 241 -16.16 22.52 6.83
C TYR B 241 -17.59 23.05 6.83
N ASP B 242 -18.25 22.96 7.98
CA ASP B 242 -19.63 23.41 8.10
C ASP B 242 -19.77 24.92 7.97
N TRP B 243 -18.75 25.65 8.42
CA TRP B 243 -18.81 27.10 8.33
C TRP B 243 -18.93 27.55 6.88
N VAL B 244 -18.02 27.05 6.05
CA VAL B 244 -17.99 27.39 4.64
C VAL B 244 -19.32 27.09 3.97
N LEU B 245 -19.80 25.85 4.03
CA LEU B 245 -21.06 25.52 3.40
C LEU B 245 -22.22 26.34 3.96
N ASP B 246 -22.19 26.66 5.24
CA ASP B 246 -23.28 27.44 5.85
C ASP B 246 -23.27 28.88 5.36
N ASN B 247 -22.12 29.33 4.87
CA ASN B 247 -22.01 30.70 4.45
C ASN B 247 -21.96 31.01 2.97
N ILE B 248 -22.10 29.99 2.12
CA ILE B 248 -22.13 30.24 0.69
C ILE B 248 -23.47 29.74 0.16
N THR B 249 -23.76 30.02 -1.11
CA THR B 249 -25.01 29.60 -1.70
C THR B 249 -24.81 28.23 -2.38
N ILE B 250 -25.11 27.17 -1.63
CA ILE B 250 -24.97 25.80 -2.11
C ILE B 250 -26.13 25.00 -1.50
N PRO B 251 -26.81 24.18 -2.31
CA PRO B 251 -27.96 23.37 -1.89
C PRO B 251 -27.83 22.10 -1.01
N VAL B 252 -26.68 21.49 -0.91
CA VAL B 252 -26.59 20.30 -0.08
C VAL B 252 -25.57 20.57 0.99
N HIS B 253 -25.60 19.78 2.07
CA HIS B 253 -24.64 19.94 3.16
C HIS B 253 -24.26 18.57 3.67
N PRO B 254 -23.22 17.96 3.07
CA PRO B 254 -22.72 16.62 3.43
C PRO B 254 -22.33 16.47 4.89
N ARG B 255 -22.43 15.25 5.39
CA ARG B 255 -22.08 14.95 6.78
C ARG B 255 -20.72 14.27 6.86
N GLN B 256 -19.97 14.58 7.90
CA GLN B 256 -18.63 14.02 8.12
C GLN B 256 -18.63 12.89 9.15
N TYR B 257 -17.67 11.98 9.01
CA TYR B 257 -17.51 10.89 9.94
C TYR B 257 -16.06 10.49 9.87
N GLU B 258 -15.42 10.41 11.04
CA GLU B 258 -14.02 10.04 11.10
C GLU B 258 -13.82 8.64 11.67
N PHE B 259 -12.81 7.94 11.15
CA PHE B 259 -12.47 6.61 11.65
C PHE B 259 -10.97 6.64 11.84
N SER B 260 -10.43 5.72 12.62
CA SER B 260 -8.99 5.72 12.87
C SER B 260 -8.14 5.22 11.71
N ARG B 261 -6.99 5.83 11.51
CA ARG B 261 -6.14 5.38 10.43
C ARG B 261 -5.37 4.12 10.80
N LEU B 262 -5.06 3.34 9.77
CA LEU B 262 -4.33 2.10 9.92
C LEU B 262 -2.83 2.30 10.18
N ASN B 263 -2.28 1.45 11.04
CA ASN B 263 -0.85 1.45 11.33
C ASN B 263 -0.46 0.00 11.29
N LEU B 264 0.66 -0.30 10.66
CA LEU B 264 1.16 -1.64 10.52
C LEU B 264 2.52 -1.66 11.18
N GLU B 265 2.81 -2.71 11.96
CA GLU B 265 4.10 -2.82 12.65
C GLU B 265 5.26 -3.01 11.68
N TYR B 266 6.42 -2.53 12.08
CA TYR B 266 7.64 -2.66 11.28
C TYR B 266 7.64 -1.92 9.96
N THR B 267 6.83 -0.87 9.86
CA THR B 267 6.81 -0.07 8.65
C THR B 267 6.26 1.32 8.90
N VAL B 268 6.34 2.17 7.90
CA VAL B 268 5.84 3.53 8.00
C VAL B 268 4.61 3.61 7.14
N MET B 269 3.67 4.48 7.50
CA MET B 269 2.44 4.58 6.73
C MET B 269 2.08 6.01 6.33
N SER B 270 3.07 6.78 5.94
CA SER B 270 2.84 8.16 5.50
C SER B 270 3.57 8.39 4.18
N LYS B 271 2.97 9.15 3.28
CA LYS B 271 3.60 9.40 1.99
C LYS B 271 4.90 10.18 2.12
N ARG B 272 5.02 11.02 3.14
CA ARG B 272 6.23 11.81 3.34
C ARG B 272 7.44 10.96 3.66
N LYS B 273 7.25 9.94 4.50
CA LYS B 273 8.35 9.04 4.86
C LYS B 273 8.59 7.99 3.78
N LEU B 274 7.53 7.56 3.10
CA LEU B 274 7.68 6.57 2.04
C LEU B 274 8.42 7.21 0.87
N ASN B 275 8.21 8.52 0.73
CA ASN B 275 8.85 9.27 -0.34
C ASN B 275 10.34 9.36 -0.06
N LEU B 276 10.70 9.58 1.21
CA LEU B 276 12.10 9.70 1.57
C LEU B 276 12.87 8.41 1.26
N LEU B 277 12.22 7.26 1.47
CA LEU B 277 12.85 5.98 1.17
C LEU B 277 13.09 5.90 -0.33
N VAL B 278 12.21 6.52 -1.11
CA VAL B 278 12.32 6.52 -2.56
C VAL B 278 13.39 7.48 -3.08
N THR B 279 13.36 8.70 -2.58
CA THR B 279 14.29 9.75 -2.99
C THR B 279 15.73 9.47 -2.57
N ASP B 280 15.91 8.88 -1.39
CA ASP B 280 17.24 8.58 -0.90
C ASP B 280 17.71 7.22 -1.41
N LYS B 281 16.91 6.62 -2.28
CA LYS B 281 17.24 5.35 -2.90
C LYS B 281 17.52 4.17 -1.95
N HIS B 282 16.73 4.03 -0.89
CA HIS B 282 16.95 2.91 0.04
C HIS B 282 16.07 1.71 -0.30
N VAL B 283 15.15 1.91 -1.22
CA VAL B 283 14.26 0.88 -1.76
C VAL B 283 14.30 1.23 -3.24
N GLU B 284 14.01 0.28 -4.11
CA GLU B 284 14.05 0.54 -5.54
C GLU B 284 13.11 1.63 -6.01
N GLY B 285 11.87 1.60 -5.52
CA GLY B 285 10.90 2.62 -5.90
C GLY B 285 9.67 2.48 -5.03
N TRP B 286 8.66 3.31 -5.27
CA TRP B 286 7.43 3.22 -4.49
C TRP B 286 6.92 1.78 -4.48
N ASP B 287 7.11 1.09 -5.61
CA ASP B 287 6.63 -0.28 -5.75
C ASP B 287 7.60 -1.38 -5.35
N ASP B 288 8.61 -1.05 -4.53
CA ASP B 288 9.56 -2.03 -4.04
C ASP B 288 8.74 -3.07 -3.24
N PRO B 289 9.03 -4.37 -3.40
CA PRO B 289 8.30 -5.42 -2.69
C PRO B 289 8.31 -5.33 -1.16
N ARG B 290 9.20 -4.50 -0.62
CA ARG B 290 9.29 -4.33 0.82
C ARG B 290 8.42 -3.18 1.32
N MET B 291 7.93 -2.36 0.40
CA MET B 291 7.10 -1.20 0.75
C MET B 291 5.65 -1.58 1.00
N PRO B 292 4.98 -0.84 1.91
CA PRO B 292 3.57 -1.06 2.27
C PRO B 292 2.61 -0.43 1.27
N THR B 293 3.14 0.01 0.14
CA THR B 293 2.32 0.62 -0.90
C THR B 293 1.49 -0.47 -1.58
N ILE B 294 0.39 -0.09 -2.23
CA ILE B 294 -0.46 -1.06 -2.90
C ILE B 294 0.34 -1.73 -4.00
N SER B 295 1.03 -0.92 -4.78
CA SER B 295 1.83 -1.42 -5.88
C SER B 295 2.95 -2.33 -5.40
N GLY B 296 3.58 -1.96 -4.27
CA GLY B 296 4.65 -2.77 -3.73
C GLY B 296 4.14 -4.12 -3.25
N LEU B 297 2.97 -4.11 -2.62
CA LEU B 297 2.38 -5.35 -2.13
C LEU B 297 1.99 -6.21 -3.33
N ARG B 298 1.53 -5.59 -4.40
CA ARG B 298 1.13 -6.31 -5.59
C ARG B 298 2.33 -7.01 -6.17
N ARG B 299 3.42 -6.25 -6.31
CA ARG B 299 4.66 -6.76 -6.85
C ARG B 299 5.21 -7.85 -5.93
N ARG B 300 4.90 -7.73 -4.65
CA ARG B 300 5.34 -8.66 -3.63
C ARG B 300 4.65 -10.03 -3.76
N GLY B 301 3.47 -10.06 -4.39
CA GLY B 301 2.75 -11.31 -4.54
C GLY B 301 1.37 -11.34 -3.89
N TYR B 302 1.01 -10.29 -3.16
CA TYR B 302 -0.31 -10.23 -2.54
C TYR B 302 -1.39 -10.10 -3.60
N THR B 303 -2.54 -10.70 -3.31
CA THR B 303 -3.69 -10.64 -4.19
C THR B 303 -4.57 -9.51 -3.69
N ALA B 304 -5.31 -8.85 -4.58
CA ALA B 304 -6.19 -7.76 -4.17
C ALA B 304 -7.22 -8.31 -3.21
N ALA B 305 -7.66 -9.54 -3.47
CA ALA B 305 -8.64 -10.19 -2.62
C ALA B 305 -8.09 -10.40 -1.22
N SER B 306 -6.78 -10.58 -1.10
CA SER B 306 -6.16 -10.77 0.21
C SER B 306 -6.19 -9.45 0.97
N ILE B 307 -5.99 -8.36 0.24
CA ILE B 307 -5.99 -7.03 0.83
C ILE B 307 -7.42 -6.64 1.27
N ARG B 308 -8.41 -6.93 0.44
CA ARG B 308 -9.80 -6.63 0.78
C ARG B 308 -10.19 -7.41 2.02
N GLU B 309 -9.64 -8.62 2.15
CA GLU B 309 -9.92 -9.48 3.29
C GLU B 309 -9.34 -8.84 4.55
N PHE B 310 -8.09 -8.39 4.44
CA PHE B 310 -7.40 -7.76 5.55
C PHE B 310 -8.20 -6.58 6.07
N CYS B 311 -8.60 -5.70 5.15
CA CYS B 311 -9.37 -4.52 5.51
C CYS B 311 -10.70 -4.90 6.18
N LYS B 312 -11.28 -6.02 5.74
CA LYS B 312 -12.53 -6.48 6.30
C LYS B 312 -12.29 -6.98 7.72
N ARG B 313 -11.15 -7.65 7.93
CA ARG B 313 -10.83 -8.17 9.25
C ARG B 313 -10.46 -7.14 10.30
N ILE B 314 -9.71 -6.11 9.91
CA ILE B 314 -9.30 -5.11 10.88
C ILE B 314 -10.44 -4.21 11.35
N GLY B 315 -11.48 -4.07 10.53
CA GLY B 315 -12.60 -3.24 10.91
C GLY B 315 -12.42 -1.73 10.82
N VAL B 316 -13.49 -1.00 11.11
CA VAL B 316 -13.49 0.45 11.06
C VAL B 316 -13.97 0.99 12.40
N THR B 317 -13.09 1.65 13.14
CA THR B 317 -13.43 2.19 14.44
C THR B 317 -12.82 3.56 14.67
N LYS B 318 -12.96 4.08 15.88
CA LYS B 318 -12.42 5.38 16.23
C LYS B 318 -11.23 5.24 17.16
N GLN B 319 -10.67 4.04 17.22
CA GLN B 319 -9.55 3.81 18.13
C GLN B 319 -8.22 3.65 17.44
N ASP B 320 -7.19 4.25 18.02
CA ASP B 320 -5.86 4.17 17.47
C ASP B 320 -5.41 2.73 17.54
N ASN B 321 -4.75 2.26 16.49
CA ASN B 321 -4.32 0.89 16.44
C ASN B 321 -3.11 0.69 15.56
N THR B 322 -2.45 -0.44 15.78
CA THR B 322 -1.30 -0.84 15.00
C THR B 322 -1.48 -2.34 14.84
N ILE B 323 -1.86 -2.75 13.63
CA ILE B 323 -2.06 -4.15 13.36
C ILE B 323 -0.69 -4.83 13.29
N GLU B 324 -0.65 -6.12 13.61
CA GLU B 324 0.59 -6.88 13.56
C GLU B 324 0.77 -7.45 12.16
N MET B 325 2.02 -7.62 11.74
CA MET B 325 2.32 -8.17 10.42
C MET B 325 1.73 -9.56 10.25
N ALA B 326 1.58 -10.29 11.34
CA ALA B 326 1.03 -11.63 11.27
C ALA B 326 -0.37 -11.62 10.66
N SER B 327 -1.17 -10.63 11.04
CA SER B 327 -2.52 -10.50 10.54
C SER B 327 -2.61 -10.35 9.04
N LEU B 328 -1.75 -9.50 8.48
CA LEU B 328 -1.72 -9.29 7.04
C LEU B 328 -1.26 -10.58 6.35
N GLU B 329 -0.22 -11.21 6.90
CA GLU B 329 0.32 -12.42 6.33
C GLU B 329 -0.72 -13.54 6.35
N SER B 330 -1.44 -13.63 7.46
CA SER B 330 -2.49 -14.63 7.58
C SER B 330 -3.42 -14.50 6.39
N CYS B 331 -3.73 -13.27 6.03
CA CYS B 331 -4.66 -13.05 4.92
C CYS B 331 -4.13 -13.58 3.60
N ILE B 332 -2.85 -13.34 3.33
CA ILE B 332 -2.31 -13.81 2.07
C ILE B 332 -2.10 -15.33 2.05
N ARG B 333 -1.83 -15.92 3.21
CA ARG B 333 -1.64 -17.36 3.29
C ARG B 333 -2.98 -18.05 3.02
N GLU B 334 -4.04 -17.55 3.65
CA GLU B 334 -5.37 -18.13 3.47
C GLU B 334 -5.77 -18.17 2.00
N ASP B 335 -5.33 -17.17 1.24
CA ASP B 335 -5.66 -17.11 -0.18
C ASP B 335 -4.82 -18.08 -1.01
N LEU B 336 -3.52 -17.85 -1.02
CA LEU B 336 -2.59 -18.69 -1.79
C LEU B 336 -2.59 -20.16 -1.40
N ASN B 337 -2.78 -20.46 -0.12
CA ASN B 337 -2.80 -21.84 0.35
C ASN B 337 -3.90 -22.63 -0.36
N GLU B 338 -4.96 -21.93 -0.71
CA GLU B 338 -6.10 -22.55 -1.36
C GLU B 338 -6.01 -22.56 -2.88
N ASN B 339 -5.48 -21.49 -3.45
CA ASN B 339 -5.43 -21.38 -4.90
C ASN B 339 -4.09 -21.56 -5.60
N ALA B 340 -2.99 -21.35 -4.89
CA ALA B 340 -1.67 -21.46 -5.53
C ALA B 340 -1.20 -22.88 -5.76
N PRO B 341 -0.84 -23.19 -7.01
CA PRO B 341 -0.36 -24.53 -7.36
C PRO B 341 1.02 -24.73 -6.74
N ARG B 342 1.37 -25.97 -6.41
CA ARG B 342 2.65 -26.25 -5.80
C ARG B 342 3.73 -26.61 -6.81
N ALA B 343 4.98 -26.48 -6.41
CA ALA B 343 6.12 -26.78 -7.28
C ALA B 343 7.37 -26.98 -6.40
N MET B 344 8.44 -27.50 -7.00
CA MET B 344 9.66 -27.71 -6.25
C MET B 344 10.72 -26.67 -6.57
N ALA B 345 11.39 -26.17 -5.54
CA ALA B 345 12.45 -25.20 -5.73
C ALA B 345 13.37 -25.30 -4.54
N VAL B 346 14.67 -25.26 -4.84
CA VAL B 346 15.68 -25.34 -3.82
C VAL B 346 16.39 -24.01 -3.77
N ILE B 347 16.23 -23.30 -2.65
CA ILE B 347 16.82 -22.00 -2.47
C ILE B 347 18.32 -22.07 -2.16
N ASP B 348 18.72 -23.00 -1.30
CA ASP B 348 20.13 -23.18 -0.95
C ASP B 348 20.54 -24.60 -1.34
N PRO B 349 20.90 -24.80 -2.63
CA PRO B 349 21.31 -26.09 -3.21
C PRO B 349 22.63 -26.74 -2.87
N VAL B 350 22.59 -28.06 -2.71
CA VAL B 350 23.78 -28.87 -2.45
C VAL B 350 23.58 -30.14 -3.27
N LYS B 351 24.59 -30.50 -4.06
CA LYS B 351 24.50 -31.69 -4.91
C LYS B 351 24.37 -32.99 -4.13
N LEU B 352 23.49 -33.86 -4.62
CA LEU B 352 23.28 -35.16 -3.99
C LEU B 352 23.18 -36.21 -5.10
N VAL B 353 24.21 -37.04 -5.22
CA VAL B 353 24.23 -38.09 -6.24
C VAL B 353 23.70 -39.40 -5.69
N ILE B 354 22.94 -40.12 -6.53
CA ILE B 354 22.41 -41.42 -6.15
C ILE B 354 23.22 -42.47 -6.93
N GLU B 355 24.34 -42.88 -6.34
CA GLU B 355 25.22 -43.87 -6.95
C GLU B 355 24.47 -45.13 -7.35
N ASN B 356 23.35 -45.36 -6.67
CA ASN B 356 22.50 -46.51 -6.89
C ASN B 356 21.64 -46.37 -8.16
N TYR B 357 21.34 -45.14 -8.56
CA TYR B 357 20.48 -44.89 -9.72
C TYR B 357 21.11 -45.21 -11.07
N GLN B 358 20.31 -45.81 -11.95
CA GLN B 358 20.76 -46.21 -13.28
C GLN B 358 19.98 -45.56 -14.42
N GLY B 359 20.68 -44.91 -15.34
CA GLY B 359 20.02 -44.28 -16.47
C GLY B 359 20.17 -42.76 -16.51
N GLU B 360 19.50 -42.13 -17.45
CA GLU B 360 19.57 -40.68 -17.58
C GLU B 360 18.42 -40.01 -16.84
N GLY B 361 17.54 -40.83 -16.28
CA GLY B 361 16.42 -40.28 -15.54
C GLY B 361 15.10 -40.90 -15.90
N GLU B 362 14.06 -40.50 -15.18
CA GLU B 362 12.71 -40.99 -15.42
C GLU B 362 11.76 -39.83 -15.14
N MET B 363 10.46 -40.09 -15.19
CA MET B 363 9.49 -39.04 -14.94
C MET B 363 8.58 -39.48 -13.79
N VAL B 364 8.33 -38.59 -12.84
CA VAL B 364 7.44 -38.90 -11.72
C VAL B 364 6.29 -37.90 -11.71
N THR B 365 5.12 -38.36 -11.28
CA THR B 365 3.94 -37.51 -11.23
C THR B 365 3.81 -36.77 -9.91
N MET B 366 3.47 -35.49 -9.98
CA MET B 366 3.30 -34.65 -8.79
C MET B 366 2.01 -33.84 -8.83
N PRO B 367 1.22 -33.87 -7.75
CA PRO B 367 -0.03 -33.10 -7.70
C PRO B 367 0.22 -31.61 -7.79
N ASN B 368 -0.63 -30.89 -8.50
CA ASN B 368 -0.50 -29.44 -8.61
C ASN B 368 -0.94 -28.79 -7.29
N HIS B 369 -1.70 -29.55 -6.51
CA HIS B 369 -2.16 -29.14 -5.20
C HIS B 369 -2.61 -30.41 -4.50
N PRO B 370 -1.83 -30.86 -3.50
CA PRO B 370 -2.17 -32.08 -2.77
C PRO B 370 -3.64 -32.12 -2.35
N ASN B 371 -3.98 -31.38 -1.31
CA ASN B 371 -5.35 -31.34 -0.80
C ASN B 371 -6.43 -31.04 -1.85
N LYS B 372 -6.05 -30.87 -3.11
CA LYS B 372 -7.04 -30.56 -4.15
C LYS B 372 -6.78 -31.22 -5.52
N PRO B 373 -7.04 -32.52 -5.64
CA PRO B 373 -6.83 -33.25 -6.90
C PRO B 373 -7.48 -32.64 -8.14
N GLU B 374 -8.60 -31.96 -7.97
CA GLU B 374 -9.30 -31.36 -9.10
C GLU B 374 -8.43 -30.36 -9.85
N MET B 375 -7.34 -29.93 -9.21
CA MET B 375 -6.42 -28.97 -9.83
C MET B 375 -5.43 -29.63 -10.79
N GLY B 376 -5.48 -30.95 -10.88
CA GLY B 376 -4.61 -31.66 -11.80
C GLY B 376 -3.23 -32.00 -11.28
N SER B 377 -2.47 -32.72 -12.09
CA SER B 377 -1.11 -33.13 -11.75
C SER B 377 -0.17 -32.84 -12.91
N ARG B 378 1.13 -32.96 -12.68
CA ARG B 378 2.11 -32.70 -13.71
C ARG B 378 3.21 -33.74 -13.70
N GLN B 379 3.95 -33.81 -14.81
CA GLN B 379 5.05 -34.75 -14.97
C GLN B 379 6.36 -34.06 -14.62
N VAL B 380 7.07 -34.59 -13.62
CA VAL B 380 8.33 -33.98 -13.20
C VAL B 380 9.53 -34.95 -13.29
N PRO B 381 10.61 -34.49 -13.94
CA PRO B 381 11.81 -35.31 -14.11
C PRO B 381 12.60 -35.62 -12.85
N PHE B 382 12.95 -36.89 -12.69
CA PHE B 382 13.73 -37.37 -11.56
C PHE B 382 14.99 -38.01 -12.11
N SER B 383 16.09 -37.98 -11.37
CA SER B 383 17.32 -38.61 -11.82
C SER B 383 18.26 -38.97 -10.67
N GLY B 384 19.50 -39.29 -11.00
CA GLY B 384 20.48 -39.66 -9.98
C GLY B 384 21.35 -38.52 -9.48
N GLU B 385 21.18 -37.35 -10.06
CA GLU B 385 21.93 -36.17 -9.62
C GLU B 385 20.92 -35.04 -9.40
N ILE B 386 20.63 -34.77 -8.14
CA ILE B 386 19.65 -33.75 -7.78
C ILE B 386 20.21 -32.70 -6.83
N TRP B 387 19.38 -31.72 -6.50
CA TRP B 387 19.75 -30.68 -5.56
C TRP B 387 18.73 -30.73 -4.43
N ILE B 388 19.21 -30.59 -3.21
CA ILE B 388 18.33 -30.55 -2.05
C ILE B 388 18.84 -29.32 -1.32
N ASP B 389 18.11 -28.87 -0.31
CA ASP B 389 18.52 -27.71 0.44
C ASP B 389 19.53 -28.11 1.51
N ARG B 390 20.65 -27.37 1.58
CA ARG B 390 21.70 -27.64 2.55
C ARG B 390 21.15 -27.83 3.96
N ALA B 391 20.06 -27.14 4.24
CA ALA B 391 19.45 -27.21 5.56
C ALA B 391 18.71 -28.52 5.82
N ASP B 392 18.45 -29.29 4.78
CA ASP B 392 17.73 -30.55 4.96
C ASP B 392 18.63 -31.75 5.20
N PHE B 393 19.94 -31.51 5.25
CA PHE B 393 20.89 -32.59 5.50
C PHE B 393 21.77 -32.30 6.71
N ARG B 394 21.85 -33.28 7.60
CA ARG B 394 22.65 -33.17 8.81
C ARG B 394 23.39 -34.49 9.05
N GLU B 395 24.67 -34.39 9.40
CA GLU B 395 25.46 -35.60 9.67
C GLU B 395 25.02 -36.26 10.98
N GLU B 396 24.74 -35.43 11.98
CA GLU B 396 24.32 -35.89 13.30
C GLU B 396 22.82 -35.66 13.53
N ALA B 397 22.46 -34.45 13.94
CA ALA B 397 21.08 -34.09 14.19
C ALA B 397 20.44 -34.88 15.33
N ASN B 398 19.72 -34.16 16.19
CA ASN B 398 19.04 -34.76 17.33
C ASN B 398 17.92 -35.72 16.95
N LYS B 399 16.89 -35.76 17.78
CA LYS B 399 15.75 -36.65 17.56
C LYS B 399 14.65 -36.01 16.71
N GLN B 400 14.18 -34.84 17.12
CA GLN B 400 13.11 -34.14 16.41
C GLN B 400 13.40 -33.90 14.93
N TYR B 401 14.66 -33.71 14.59
CA TYR B 401 15.07 -33.49 13.20
C TYR B 401 14.53 -34.62 12.32
N LYS B 402 13.50 -34.32 11.54
CA LYS B 402 12.90 -35.34 10.67
C LYS B 402 13.48 -35.43 9.26
N ARG B 403 14.51 -34.65 8.98
CA ARG B 403 15.11 -34.64 7.66
C ARG B 403 16.19 -35.70 7.40
N LEU B 404 17.10 -35.45 6.47
CA LEU B 404 18.14 -36.42 6.11
C LEU B 404 19.37 -36.46 7.00
N VAL B 405 19.61 -37.64 7.58
CA VAL B 405 20.75 -37.86 8.47
C VAL B 405 21.72 -38.91 7.92
N LEU B 406 23.01 -38.58 7.93
CA LEU B 406 24.06 -39.47 7.42
C LEU B 406 23.97 -40.90 7.97
N GLY B 407 23.15 -41.73 7.34
CA GLY B 407 23.00 -43.09 7.79
C GLY B 407 21.55 -43.49 7.80
N LYS B 408 20.67 -42.49 7.89
CA LYS B 408 19.23 -42.70 7.91
C LYS B 408 18.62 -42.36 6.54
N GLU B 409 17.32 -42.55 6.39
CA GLU B 409 16.64 -42.25 5.14
C GLU B 409 15.63 -41.11 5.24
N VAL B 410 15.17 -40.65 4.08
CA VAL B 410 14.17 -39.59 3.98
C VAL B 410 13.44 -39.76 2.66
N ARG B 411 12.12 -39.56 2.68
CA ARG B 411 11.32 -39.68 1.47
C ARG B 411 11.46 -38.40 0.65
N LEU B 412 11.88 -38.54 -0.61
CA LEU B 412 12.01 -37.38 -1.48
C LEU B 412 10.61 -37.10 -2.00
N ARG B 413 10.14 -35.88 -1.76
CA ARG B 413 8.80 -35.46 -2.14
C ARG B 413 8.30 -36.04 -3.46
N ASN B 414 7.22 -36.82 -3.37
CA ASN B 414 6.58 -37.46 -4.54
C ASN B 414 7.49 -38.41 -5.30
N ALA B 415 8.52 -38.91 -4.65
CA ALA B 415 9.45 -39.82 -5.30
C ALA B 415 9.86 -41.00 -4.43
N TYR B 416 11.14 -41.34 -4.54
CA TYR B 416 11.73 -42.47 -3.83
C TYR B 416 12.34 -42.13 -2.47
N VAL B 417 12.51 -43.17 -1.67
CA VAL B 417 13.12 -43.04 -0.35
C VAL B 417 14.61 -43.26 -0.58
N ILE B 418 15.44 -42.41 0.04
CA ILE B 418 16.88 -42.53 -0.14
C ILE B 418 17.61 -42.56 1.21
N LYS B 419 18.82 -43.13 1.21
CA LYS B 419 19.63 -43.22 2.42
C LYS B 419 20.96 -42.51 2.26
N ALA B 420 21.26 -41.58 3.16
CA ALA B 420 22.53 -40.86 3.11
C ALA B 420 23.58 -41.87 3.56
N GLU B 421 24.80 -41.74 3.06
CA GLU B 421 25.84 -42.67 3.44
C GLU B 421 27.23 -42.06 3.43
N ARG B 422 27.63 -41.49 2.29
CA ARG B 422 28.95 -40.88 2.21
C ARG B 422 28.83 -39.43 1.79
N VAL B 423 29.37 -38.54 2.62
CA VAL B 423 29.34 -37.11 2.33
C VAL B 423 30.71 -36.76 1.77
N GLU B 424 30.91 -35.51 1.38
CA GLU B 424 32.18 -35.09 0.81
C GLU B 424 32.36 -33.59 0.99
N LYS B 425 33.47 -33.19 1.59
CA LYS B 425 33.73 -31.77 1.83
C LYS B 425 34.80 -31.18 0.92
N ASP B 426 35.11 -29.91 1.15
CA ASP B 426 36.11 -29.19 0.35
C ASP B 426 37.20 -28.61 1.24
N ALA B 427 37.65 -27.41 0.90
CA ALA B 427 38.68 -26.70 1.65
C ALA B 427 38.21 -26.39 3.07
N GLU B 428 37.41 -25.34 3.20
CA GLU B 428 36.90 -24.93 4.50
C GLU B 428 36.09 -26.01 5.22
N GLY B 429 36.00 -27.20 4.63
CA GLY B 429 35.25 -28.26 5.26
C GLY B 429 33.75 -28.20 5.00
N ASN B 430 33.39 -27.53 3.91
CA ASN B 430 32.00 -27.39 3.49
C ASN B 430 31.65 -28.59 2.62
N ILE B 431 30.40 -29.04 2.69
CA ILE B 431 29.99 -30.20 1.90
C ILE B 431 29.78 -29.82 0.44
N THR B 432 30.35 -30.60 -0.48
CA THR B 432 30.20 -30.35 -1.91
C THR B 432 29.23 -31.34 -2.56
N THR B 433 29.14 -32.53 -2.00
CA THR B 433 28.22 -33.52 -2.56
C THR B 433 27.86 -34.60 -1.56
N ILE B 434 26.60 -35.02 -1.59
CA ILE B 434 26.09 -36.02 -0.68
C ILE B 434 25.70 -37.27 -1.46
N PHE B 435 26.37 -38.38 -1.17
CA PHE B 435 26.10 -39.63 -1.86
C PHE B 435 25.05 -40.43 -1.10
N CYS B 436 24.16 -41.08 -1.85
CA CYS B 436 23.11 -41.88 -1.25
C CYS B 436 22.74 -43.04 -2.17
N THR B 437 21.78 -43.85 -1.73
CA THR B 437 21.29 -44.97 -2.51
C THR B 437 19.78 -44.92 -2.44
N TYR B 438 19.09 -45.40 -3.47
CA TYR B 438 17.64 -45.35 -3.47
C TYR B 438 16.99 -46.72 -3.56
N ASP B 439 15.85 -46.88 -2.91
CA ASP B 439 15.13 -48.14 -2.93
C ASP B 439 14.33 -48.24 -4.22
N ALA B 440 14.79 -49.11 -5.12
CA ALA B 440 14.16 -49.33 -6.41
C ALA B 440 12.66 -49.07 -6.41
N ASP B 441 11.93 -49.71 -5.51
CA ASP B 441 10.48 -49.49 -5.44
C ASP B 441 10.02 -49.02 -4.07
N THR B 442 9.90 -47.71 -3.93
CA THR B 442 9.45 -47.11 -2.68
C THR B 442 8.64 -45.85 -2.96
N LEU B 443 7.41 -46.06 -3.42
CA LEU B 443 6.50 -44.95 -3.73
C LEU B 443 5.14 -45.47 -4.15
N GLY B 455 10.98 -38.36 7.70
CA GLY B 455 10.60 -37.05 7.09
C GLY B 455 10.54 -37.00 5.56
N VAL B 456 10.19 -35.82 5.03
CA VAL B 456 10.09 -35.60 3.59
C VAL B 456 10.70 -34.27 3.17
N ILE B 457 11.58 -34.30 2.18
CA ILE B 457 12.19 -33.07 1.68
C ILE B 457 11.90 -32.91 0.20
N HIS B 458 11.97 -31.67 -0.27
CA HIS B 458 11.73 -31.38 -1.67
C HIS B 458 13.07 -31.45 -2.40
N TRP B 459 13.02 -31.54 -3.71
CA TRP B 459 14.24 -31.67 -4.51
C TRP B 459 14.00 -31.25 -5.95
N VAL B 460 15.10 -31.13 -6.70
CA VAL B 460 15.06 -30.76 -8.11
C VAL B 460 16.18 -31.49 -8.85
N SER B 461 15.84 -32.17 -9.95
CA SER B 461 16.83 -32.88 -10.74
C SER B 461 17.81 -31.88 -11.34
N ALA B 462 19.09 -32.03 -11.01
CA ALA B 462 20.12 -31.13 -11.47
C ALA B 462 20.23 -30.95 -12.98
N ALA B 463 19.91 -32.00 -13.73
CA ALA B 463 20.02 -31.94 -15.18
C ALA B 463 18.88 -31.16 -15.83
N HIS B 464 17.68 -31.24 -15.25
CA HIS B 464 16.54 -30.54 -15.81
C HIS B 464 16.19 -29.28 -15.04
N ALA B 465 17.02 -28.92 -14.06
CA ALA B 465 16.76 -27.76 -13.23
C ALA B 465 16.94 -26.41 -13.91
N LEU B 466 16.05 -25.49 -13.57
CA LEU B 466 16.08 -24.14 -14.11
C LEU B 466 16.80 -23.19 -13.15
N PRO B 467 17.88 -22.55 -13.61
CA PRO B 467 18.63 -21.61 -12.76
C PRO B 467 17.73 -20.43 -12.40
N VAL B 468 17.52 -20.21 -11.11
CA VAL B 468 16.64 -19.15 -10.66
C VAL B 468 17.20 -18.23 -9.57
N GLU B 469 16.79 -16.96 -9.64
CA GLU B 469 17.19 -16.00 -8.62
C GLU B 469 16.01 -15.92 -7.67
N ILE B 470 16.24 -16.16 -6.39
CA ILE B 470 15.18 -16.11 -5.41
C ILE B 470 15.43 -14.93 -4.48
N ARG B 471 14.44 -14.05 -4.37
CA ARG B 471 14.58 -12.89 -3.50
C ARG B 471 13.78 -13.04 -2.22
N LEU B 472 14.46 -13.30 -1.12
CA LEU B 472 13.80 -13.43 0.16
C LEU B 472 13.65 -12.03 0.75
N TYR B 473 12.46 -11.73 1.27
CA TYR B 473 12.19 -10.42 1.86
C TYR B 473 11.87 -10.55 3.33
N ASP B 474 11.91 -9.43 4.04
CA ASP B 474 11.59 -9.43 5.46
C ASP B 474 11.23 -8.01 5.89
N ARG B 475 10.84 -7.83 7.16
CA ARG B 475 10.46 -6.50 7.61
C ARG B 475 11.49 -5.46 7.18
N LEU B 476 10.99 -4.33 6.68
CA LEU B 476 11.85 -3.26 6.20
C LEU B 476 12.64 -2.65 7.34
N PHE B 477 12.01 -2.57 8.51
CA PHE B 477 12.63 -1.99 9.70
C PHE B 477 12.85 -3.00 10.81
N SER B 478 13.76 -2.70 11.71
CA SER B 478 14.08 -3.59 12.83
C SER B 478 13.18 -3.38 14.04
N VAL B 479 12.48 -2.25 14.09
CA VAL B 479 11.62 -1.94 15.21
C VAL B 479 10.14 -1.91 14.83
N PRO B 480 9.24 -2.21 15.79
CA PRO B 480 7.79 -2.24 15.56
C PRO B 480 7.21 -0.91 15.09
N ASN B 481 7.75 0.18 15.61
CA ASN B 481 7.25 1.51 15.28
C ASN B 481 8.37 2.40 14.74
N PRO B 482 8.86 2.12 13.53
CA PRO B 482 9.93 2.94 12.97
C PRO B 482 9.57 4.41 12.82
N GLY B 483 8.27 4.70 12.75
CA GLY B 483 7.83 6.08 12.61
C GLY B 483 8.12 6.92 13.84
N ALA B 484 8.22 6.26 14.99
CA ALA B 484 8.47 6.96 16.24
C ALA B 484 9.95 7.15 16.53
N ALA B 485 10.79 6.79 15.57
CA ALA B 485 12.24 6.93 15.76
C ALA B 485 12.68 8.34 15.39
N ASP B 486 13.77 8.79 16.01
CA ASP B 486 14.31 10.11 15.74
C ASP B 486 14.66 10.15 14.27
N ASP B 487 15.36 9.12 13.84
CA ASP B 487 15.77 8.97 12.45
C ASP B 487 15.37 7.56 11.99
N PHE B 488 14.14 7.41 11.50
CA PHE B 488 13.66 6.11 11.10
C PHE B 488 14.54 5.41 10.06
N LEU B 489 15.24 6.17 9.23
CA LEU B 489 16.09 5.54 8.23
C LEU B 489 17.18 4.72 8.90
N SER B 490 17.78 5.25 9.95
CA SER B 490 18.85 4.56 10.66
C SER B 490 18.39 3.28 11.32
N VAL B 491 17.11 2.98 11.22
CA VAL B 491 16.59 1.77 11.85
C VAL B 491 16.06 0.78 10.81
N ILE B 492 16.47 0.98 9.56
CA ILE B 492 16.10 0.09 8.46
C ILE B 492 16.75 -1.27 8.70
N ASN B 493 16.06 -2.34 8.31
CA ASN B 493 16.58 -3.70 8.47
C ASN B 493 17.46 -4.05 7.27
N PRO B 494 18.77 -4.22 7.52
CA PRO B 494 19.76 -4.55 6.49
C PRO B 494 19.52 -5.86 5.75
N GLU B 495 18.67 -6.71 6.32
CA GLU B 495 18.36 -7.98 5.68
C GLU B 495 16.93 -8.04 5.23
N SER B 496 16.33 -6.86 4.98
CA SER B 496 14.94 -6.78 4.50
C SER B 496 14.86 -7.41 3.13
N LEU B 497 16.04 -7.64 2.54
CA LEU B 497 16.18 -8.27 1.23
C LEU B 497 17.49 -9.02 1.13
N VAL B 498 17.43 -10.31 0.85
CA VAL B 498 18.63 -11.13 0.69
C VAL B 498 18.41 -11.94 -0.58
N ILE B 499 19.38 -11.89 -1.49
CA ILE B 499 19.27 -12.59 -2.77
C ILE B 499 20.07 -13.88 -2.85
N LYS B 500 19.35 -14.97 -3.13
CA LYS B 500 19.95 -16.30 -3.26
C LYS B 500 19.79 -16.82 -4.70
N GLN B 501 20.74 -17.64 -5.14
CA GLN B 501 20.65 -18.24 -6.47
C GLN B 501 20.34 -19.70 -6.25
N GLY B 502 19.23 -20.19 -6.82
CA GLY B 502 18.85 -21.58 -6.63
C GLY B 502 18.38 -22.31 -7.86
N PHE B 503 17.76 -23.46 -7.65
CA PHE B 503 17.26 -24.28 -8.76
C PHE B 503 15.79 -24.63 -8.59
N ALA B 504 15.04 -24.54 -9.68
CA ALA B 504 13.61 -24.86 -9.66
C ALA B 504 13.29 -25.91 -10.73
N GLU B 505 12.19 -26.64 -10.55
CA GLU B 505 11.79 -27.67 -11.52
C GLU B 505 11.49 -26.99 -12.85
N PRO B 506 11.86 -27.63 -13.98
CA PRO B 506 11.64 -27.07 -15.32
C PRO B 506 10.26 -26.50 -15.58
N SER B 507 9.28 -26.99 -14.83
CA SER B 507 7.89 -26.56 -14.93
C SER B 507 7.69 -25.04 -14.78
N LEU B 508 8.48 -24.39 -13.91
CA LEU B 508 8.36 -22.95 -13.70
C LEU B 508 8.86 -22.14 -14.89
N LYS B 509 9.34 -22.82 -15.92
CA LYS B 509 9.85 -22.15 -17.11
C LYS B 509 8.77 -21.25 -17.70
N ASP B 510 7.52 -21.70 -17.61
CA ASP B 510 6.40 -20.94 -18.16
C ASP B 510 5.69 -20.04 -17.16
N ALA B 511 6.30 -19.84 -16.00
CA ALA B 511 5.69 -18.99 -14.98
C ALA B 511 5.46 -17.59 -15.56
N VAL B 512 4.42 -16.93 -15.07
CA VAL B 512 4.08 -15.58 -15.54
C VAL B 512 4.08 -14.62 -14.36
N ALA B 513 4.30 -13.34 -14.65
CA ALA B 513 4.31 -12.32 -13.61
C ALA B 513 2.92 -12.19 -13.01
N GLY B 514 2.87 -11.96 -11.70
CA GLY B 514 1.58 -11.83 -11.03
C GLY B 514 1.11 -13.11 -10.39
N LYS B 515 1.10 -14.19 -11.17
CA LYS B 515 0.66 -15.50 -10.69
C LYS B 515 1.60 -16.01 -9.59
N ALA B 516 1.03 -16.66 -8.58
CA ALA B 516 1.84 -17.18 -7.48
C ALA B 516 1.86 -18.71 -7.39
N PHE B 517 2.91 -19.23 -6.78
CA PHE B 517 3.08 -20.67 -6.58
C PHE B 517 3.54 -20.88 -5.16
N GLN B 518 3.34 -22.09 -4.66
CA GLN B 518 3.83 -22.41 -3.34
C GLN B 518 5.05 -23.28 -3.57
N PHE B 519 6.20 -22.84 -3.10
CA PHE B 519 7.39 -23.65 -3.24
C PHE B 519 7.30 -24.54 -1.99
N GLU B 520 6.82 -25.76 -2.21
CA GLU B 520 6.63 -26.73 -1.16
C GLU B 520 7.70 -26.69 -0.07
N ARG B 521 7.24 -26.62 1.18
CA ARG B 521 8.12 -26.57 2.34
C ARG B 521 8.92 -25.28 2.48
N GLU B 522 8.56 -24.27 1.71
CA GLU B 522 9.26 -22.98 1.75
C GLU B 522 8.32 -21.78 1.91
N GLY B 523 7.49 -21.54 0.91
CA GLY B 523 6.57 -20.42 0.99
C GLY B 523 5.96 -20.14 -0.36
N TYR B 524 5.29 -19.00 -0.48
CA TYR B 524 4.65 -18.63 -1.73
C TYR B 524 5.58 -17.67 -2.48
N PHE B 525 5.78 -17.95 -3.76
CA PHE B 525 6.66 -17.12 -4.59
C PHE B 525 5.96 -16.70 -5.86
N CYS B 526 6.46 -15.64 -6.49
CA CYS B 526 5.91 -15.20 -7.76
C CYS B 526 7.00 -14.56 -8.61
N LEU B 527 6.74 -14.42 -9.90
CA LEU B 527 7.69 -13.89 -10.87
C LEU B 527 7.93 -12.37 -10.90
N ASP B 528 8.28 -11.88 -12.09
CA ASP B 528 8.59 -10.47 -12.38
C ASP B 528 9.62 -9.89 -11.46
N SER B 529 9.16 -9.18 -10.44
CA SER B 529 10.07 -8.53 -9.50
C SER B 529 10.82 -7.46 -10.27
N ARG B 530 10.22 -7.02 -11.39
CA ARG B 530 10.79 -5.98 -12.25
C ARG B 530 12.06 -6.46 -12.96
N HIS B 531 12.70 -7.49 -12.41
CA HIS B 531 13.94 -8.01 -12.95
C HIS B 531 13.85 -9.33 -13.75
N SER B 532 12.82 -10.13 -13.49
CA SER B 532 12.68 -11.40 -14.17
C SER B 532 12.75 -11.34 -15.70
N THR B 533 13.79 -11.93 -16.27
CA THR B 533 13.96 -11.95 -17.72
C THR B 533 13.62 -13.33 -18.27
N ALA B 534 14.11 -13.61 -19.47
CA ALA B 534 13.87 -14.90 -20.12
C ALA B 534 14.96 -15.89 -19.70
N GLU B 535 16.21 -15.42 -19.73
CA GLU B 535 17.34 -16.25 -19.35
C GLU B 535 17.34 -16.50 -17.85
N LYS B 536 17.45 -15.44 -17.05
CA LYS B 536 17.47 -15.59 -15.60
C LYS B 536 16.19 -15.14 -14.92
N PRO B 537 15.29 -16.08 -14.61
CA PRO B 537 14.02 -15.78 -13.95
C PRO B 537 14.26 -15.29 -12.52
N VAL B 538 13.43 -14.36 -12.06
CA VAL B 538 13.56 -13.84 -10.70
C VAL B 538 12.24 -14.01 -9.97
N PHE B 539 12.31 -14.69 -8.82
CA PHE B 539 11.13 -14.94 -8.00
C PHE B 539 11.18 -14.20 -6.67
N ASN B 540 10.04 -13.63 -6.28
CA ASN B 540 9.92 -12.93 -5.02
C ASN B 540 9.20 -13.82 -4.02
N ARG B 541 9.76 -14.00 -2.83
CA ARG B 541 9.05 -14.79 -1.85
C ARG B 541 7.98 -13.87 -1.30
N THR B 542 6.73 -14.20 -1.57
CA THR B 542 5.62 -13.38 -1.09
C THR B 542 5.55 -13.42 0.42
N VAL B 543 5.52 -14.64 0.94
CA VAL B 543 5.46 -14.87 2.38
C VAL B 543 5.89 -16.32 2.64
N GLY B 544 6.49 -16.54 3.81
CA GLY B 544 6.93 -17.87 4.16
C GLY B 544 5.76 -18.70 4.66
N LEU B 545 6.01 -19.99 4.87
CA LEU B 545 5.00 -20.91 5.35
C LEU B 545 5.03 -20.82 6.87
N ARG B 546 3.89 -21.08 7.51
CA ARG B 546 3.83 -21.04 8.97
C ARG B 546 4.76 -22.12 9.52
N ASP B 547 5.80 -21.69 10.23
CA ASP B 547 6.77 -22.59 10.80
C ASP B 547 6.87 -22.42 12.31
N THR B 548 6.00 -23.10 13.05
CA THR B 548 6.02 -22.99 14.51
C THR B 548 6.78 -24.13 15.18
S SO4 C . -0.84 10.05 4.19
O1 SO4 C . -1.70 10.37 5.34
O2 SO4 C . -1.66 9.90 2.98
O3 SO4 C . -0.16 8.76 4.45
O4 SO4 C . 0.15 11.11 4.00
S SO4 D . 4.05 7.23 10.15
O1 SO4 D . 4.99 7.85 9.19
O2 SO4 D . 3.93 5.79 9.86
O3 SO4 D . 2.72 7.88 10.03
O4 SO4 D . 4.58 7.42 11.52
N QSI E . -6.91 15.04 0.78
CA QSI E . -7.12 14.45 2.10
CB QSI E . -8.55 13.95 2.22
CG QSI E . -9.24 14.69 3.36
CD QSI E . -10.55 14.04 3.75
OE1 QSI E . -10.97 13.04 3.19
NE2 QSI E . -11.28 14.60 4.73
C QSI E . -6.22 13.27 2.25
O QSI E . -6.07 12.73 3.34
N10 QSI E . -5.59 12.79 1.15
S QSI E . -4.59 11.46 1.19
O1S QSI E . -3.60 11.76 2.12
O2S QSI E . -4.31 11.20 -0.17
O5' QSI E . -5.36 10.22 1.68
C5' QSI E . -6.66 10.10 1.04
C4' QSI E . -7.64 9.39 1.98
O4' QSI E . -6.92 8.34 2.60
C1' QSI E . -7.25 8.32 3.99
N9 QSI E . -6.13 7.75 4.73
C4 QSI E . -6.17 6.64 5.52
N3 QSI E . -7.12 5.77 5.88
C2 QSI E . -6.85 4.76 6.69
N1 QSI E . -5.62 4.56 7.16
C6 QSI E . -4.59 5.40 6.85
N6 QSI E . -3.32 5.19 7.35
C5 QSI E . -4.85 6.49 6.00
N7 QSI E . -4.11 7.49 5.50
C8 QSI E . -4.85 8.23 4.75
C2' QSI E . -7.53 9.78 4.35
O2' QSI E . -8.37 9.93 5.49
C3' QSI E . -8.12 10.35 3.06
O3' QSI E . -9.55 10.34 3.14
#